data_5NIP
#
_entry.id   5NIP
#
_entity_poly.entity_id   1
_entity_poly.type   'polydeoxyribonucleotide'
_entity_poly.pdbx_seq_one_letter_code
;(DT)(DC)(DC)(DG)(DT)(DT)(DT)(DC)(8YN)(DG)(DT)
;
_entity_poly.pdbx_strand_id   A,B
#